data_4IQ7
#
_entry.id   4IQ7
#
_cell.length_a   77.890
_cell.length_b   77.890
_cell.length_c   263.990
_cell.angle_alpha   90.00
_cell.angle_beta   90.00
_cell.angle_gamma   120.00
#
_symmetry.space_group_name_H-M   'P 65 2 2'
#
loop_
_entity.id
_entity.type
_entity.pdbx_description
1 polymer 'Cytochrome P450 121'
2 non-polymer 'PROTOPORPHYRIN IX CONTAINING FE'
3 non-polymer 'SULFATE ION'
4 non-polymer (3S,6S)-3-(4-hydroxybenzyl)-6-methylpiperazine-2,5-dione
5 water water
#
_entity_poly.entity_id   1
_entity_poly.type   'polypeptide(L)'
_entity_poly.pdbx_seq_one_letter_code
;TATVLLEVPFSARGDRIPDAVAELRTREPIRKVRTITGAEAWLVSSYALCTQVLEDRRFSMKETAAAGAPRLNALTVPPE
VVNNMGNIADAGLRKAVMKAITPKAPGLEQFLRDTANSLLDNLITEGAPADLRNDFADPLATALHCKVLGIPQEDGPKLF
RSLSIAFMSSADPIPAAKINWDRDIEYMAGILENPNITTGLMGELSRLRKDPAYSHVSDELFATIGVTFFGAGVISTGSF
LTTALISLIQRPQLRNLLHEKPELIPAGVEELLRINLSFADGLPRLATADIQVGDVLVRKGELVLVLLEGANFDPEHFPN
PGSIELDRPNPTSHLAFGRGQHFCPGSALGRRHAQIGIEALLKKMPGVDLAVPIDQLVWRTRFQRRIPERLPVLW
;
_entity_poly.pdbx_strand_id   A
#
# COMPACT_ATOMS: atom_id res chain seq x y z
N ALA A 2 37.89 -4.22 -3.60
CA ALA A 2 37.01 -3.80 -2.50
C ALA A 2 35.65 -3.35 -3.01
N THR A 3 34.60 -3.69 -2.27
CA THR A 3 33.21 -3.34 -2.58
C THR A 3 32.57 -2.62 -1.40
N VAL A 4 31.53 -1.83 -1.67
CA VAL A 4 30.82 -1.11 -0.62
C VAL A 4 29.76 -2.05 -0.03
N LEU A 5 29.24 -1.72 1.15
CA LEU A 5 28.17 -2.47 1.80
C LEU A 5 26.92 -2.55 0.88
N LEU A 6 26.27 -3.73 0.84
CA LEU A 6 25.07 -3.97 0.04
C LEU A 6 24.03 -2.85 0.27
N GLU A 7 23.59 -2.22 -0.82
CA GLU A 7 22.64 -1.13 -0.81
C GLU A 7 21.20 -1.60 -1.06
N VAL A 8 20.24 -0.91 -0.45
CA VAL A 8 18.80 -1.15 -0.63
C VAL A 8 18.14 0.13 -1.18
N PRO A 9 17.04 0.02 -1.98
CA PRO A 9 16.37 -1.21 -2.44
C PRO A 9 17.15 -1.91 -3.55
N PHE A 10 16.82 -3.19 -3.84
CA PHE A 10 17.54 -3.96 -4.87
C PHE A 10 17.15 -3.65 -6.30
N SER A 11 15.85 -3.48 -6.56
CA SER A 11 15.31 -3.16 -7.89
C SER A 11 13.95 -2.52 -7.76
N ALA A 12 13.66 -1.57 -8.65
CA ALA A 12 12.37 -0.90 -8.71
C ALA A 12 11.36 -1.75 -9.54
N ARG A 13 11.83 -2.81 -10.22
CA ARG A 13 10.96 -3.68 -11.01
C ARG A 13 9.97 -4.42 -10.13
N GLY A 14 8.69 -4.28 -10.45
CA GLY A 14 7.64 -4.95 -9.70
C GLY A 14 7.07 -6.19 -10.38
N ASP A 15 7.72 -6.66 -11.49
CA ASP A 15 7.27 -7.83 -12.25
C ASP A 15 8.11 -9.09 -12.01
N ARG A 16 9.20 -8.97 -11.20
CA ARG A 16 10.07 -10.09 -10.88
CA ARG A 16 10.08 -10.08 -10.88
C ARG A 16 10.77 -9.84 -9.54
N ILE A 17 11.05 -10.92 -8.81
CA ILE A 17 11.74 -10.80 -7.53
C ILE A 17 13.24 -11.02 -7.80
N PRO A 18 14.16 -10.14 -7.33
CA PRO A 18 15.59 -10.38 -7.59
C PRO A 18 16.09 -11.68 -6.95
N ASP A 19 17.01 -12.40 -7.63
CA ASP A 19 17.62 -13.63 -7.13
C ASP A 19 18.32 -13.43 -5.77
N ALA A 20 18.76 -12.19 -5.49
CA ALA A 20 19.40 -11.78 -4.22
C ALA A 20 18.52 -12.05 -2.99
N VAL A 21 17.19 -11.95 -3.12
CA VAL A 21 16.29 -12.14 -1.97
C VAL A 21 16.45 -13.54 -1.37
N ALA A 22 16.30 -14.61 -2.20
CA ALA A 22 16.45 -16.00 -1.77
C ALA A 22 17.86 -16.29 -1.22
N GLU A 23 18.90 -15.73 -1.88
CA GLU A 23 20.30 -15.92 -1.46
C GLU A 23 20.51 -15.31 -0.08
N LEU A 24 19.95 -14.11 0.19
CA LEU A 24 20.06 -13.49 1.51
C LEU A 24 19.26 -14.30 2.50
N ARG A 25 18.04 -14.72 2.13
CA ARG A 25 17.17 -15.46 3.04
C ARG A 25 17.79 -16.77 3.52
N THR A 26 18.46 -17.49 2.61
CA THR A 26 19.10 -18.77 2.93
C THR A 26 20.35 -18.56 3.78
N ARG A 27 21.24 -17.62 3.38
CA ARG A 27 22.55 -17.42 4.02
C ARG A 27 22.61 -16.45 5.22
N GLU A 28 21.84 -15.35 5.15
CA GLU A 28 21.88 -14.31 6.19
C GLU A 28 20.51 -13.63 6.27
N PRO A 29 19.48 -14.33 6.84
CA PRO A 29 18.12 -13.76 6.92
C PRO A 29 18.02 -12.44 7.68
N ILE A 30 19.08 -12.08 8.40
CA ILE A 30 19.24 -10.78 9.02
C ILE A 30 20.64 -10.30 8.71
N ARG A 31 20.74 -9.21 7.95
CA ARG A 31 22.07 -8.71 7.57
C ARG A 31 22.11 -7.18 7.42
N LYS A 32 23.30 -6.61 7.56
CA LYS A 32 23.49 -5.15 7.48
C LYS A 32 23.47 -4.67 6.03
N VAL A 33 22.74 -3.56 5.78
CA VAL A 33 22.64 -2.91 4.46
C VAL A 33 22.79 -1.38 4.60
N ARG A 34 22.97 -0.67 3.47
CA ARG A 34 23.01 0.80 3.50
C ARG A 34 21.76 1.33 2.76
N THR A 35 21.07 2.28 3.38
CA THR A 35 19.90 2.90 2.76
C THR A 35 20.35 4.08 1.89
N ILE A 36 19.39 4.68 1.14
CA ILE A 36 19.64 5.82 0.27
C ILE A 36 20.13 7.06 1.00
N THR A 37 19.88 7.15 2.32
CA THR A 37 20.33 8.31 3.12
C THR A 37 21.80 8.16 3.55
N GLY A 38 22.35 6.98 3.36
CA GLY A 38 23.70 6.64 3.77
C GLY A 38 23.74 5.94 5.12
N ALA A 39 22.57 5.83 5.80
CA ALA A 39 22.47 5.16 7.11
C ALA A 39 22.60 3.64 6.93
N GLU A 40 23.07 2.96 7.97
CA GLU A 40 23.15 1.50 7.98
C GLU A 40 21.85 0.98 8.62
N ALA A 41 21.39 -0.20 8.19
CA ALA A 41 20.17 -0.82 8.73
C ALA A 41 20.31 -2.36 8.70
N TRP A 42 19.42 -3.05 9.43
CA TRP A 42 19.34 -4.51 9.42
C TRP A 42 18.20 -4.87 8.53
N LEU A 43 18.48 -5.60 7.44
CA LEU A 43 17.45 -6.06 6.52
C LEU A 43 17.05 -7.47 6.95
N VAL A 44 15.76 -7.67 7.21
CA VAL A 44 15.23 -8.95 7.68
C VAL A 44 14.41 -9.57 6.53
N SER A 45 14.75 -10.83 6.14
CA SER A 45 14.18 -11.46 4.94
C SER A 45 13.55 -12.87 5.05
N SER A 46 13.44 -13.44 6.25
CA SER A 46 12.78 -14.74 6.39
C SER A 46 11.42 -14.51 7.01
N TYR A 47 10.46 -15.41 6.76
CA TYR A 47 9.13 -15.30 7.35
C TYR A 47 9.22 -15.27 8.88
N ALA A 48 9.96 -16.23 9.48
CA ALA A 48 10.08 -16.33 10.94
C ALA A 48 10.58 -15.01 11.57
N LEU A 49 11.66 -14.42 11.04
CA LEU A 49 12.23 -13.19 11.60
C LEU A 49 11.41 -11.93 11.31
N CYS A 50 10.80 -11.84 10.11
CA CYS A 50 9.95 -10.69 9.76
C CYS A 50 8.79 -10.66 10.76
N THR A 51 8.16 -11.83 11.03
CA THR A 51 7.04 -11.88 11.99
C THR A 51 7.50 -11.55 13.39
N GLN A 52 8.70 -12.03 13.78
CA GLN A 52 9.21 -11.68 15.10
C GLN A 52 9.32 -10.16 15.29
N VAL A 53 9.92 -9.46 14.32
CA VAL A 53 10.09 -8.02 14.40
C VAL A 53 8.73 -7.32 14.42
N LEU A 54 7.82 -7.66 13.49
CA LEU A 54 6.51 -7.00 13.43
C LEU A 54 5.63 -7.24 14.67
N GLU A 55 5.81 -8.37 15.37
CA GLU A 55 5.02 -8.69 16.58
C GLU A 55 5.61 -8.14 17.88
N ASP A 56 6.77 -7.48 17.80
CA ASP A 56 7.41 -6.94 18.98
C ASP A 56 7.41 -5.39 18.90
N ARG A 57 6.59 -4.75 19.75
CA ARG A 57 6.43 -3.29 19.81
C ARG A 57 7.70 -2.53 20.20
N ARG A 58 8.68 -3.22 20.82
CA ARG A 58 9.96 -2.60 21.15
C ARG A 58 10.69 -2.21 19.86
N PHE A 59 10.30 -2.81 18.69
CA PHE A 59 10.76 -2.39 17.36
C PHE A 59 9.65 -1.39 16.97
N SER A 60 9.91 -0.10 17.25
CA SER A 60 8.91 0.95 17.13
C SER A 60 8.80 1.64 15.77
N MET A 61 7.57 1.80 15.24
CA MET A 61 7.33 2.61 14.03
C MET A 61 7.46 4.11 14.45
N LYS A 62 6.79 4.51 15.55
CA LYS A 62 6.82 5.87 16.11
C LYS A 62 8.26 6.41 16.25
N GLU A 63 9.17 5.62 16.85
CA GLU A 63 10.56 6.05 17.04
C GLU A 63 11.41 6.24 15.77
N THR A 64 10.95 5.76 14.60
CA THR A 64 11.70 5.99 13.34
C THR A 64 11.75 7.50 13.00
N ALA A 65 10.79 8.29 13.53
CA ALA A 65 10.70 9.75 13.35
C ALA A 65 11.59 10.56 14.31
N ALA A 66 12.25 9.91 15.30
CA ALA A 66 13.14 10.59 16.27
C ALA A 66 14.28 11.36 15.57
N ALA A 67 14.62 12.58 16.04
CA ALA A 67 15.72 13.35 15.44
C ALA A 67 17.03 12.58 15.66
N GLY A 68 17.89 12.52 14.63
CA GLY A 68 19.18 11.85 14.74
C GLY A 68 19.20 10.35 14.52
N ALA A 69 18.02 9.73 14.34
CA ALA A 69 17.91 8.29 14.11
C ALA A 69 18.45 7.92 12.71
N PRO A 70 18.97 6.68 12.51
CA PRO A 70 19.33 6.26 11.15
C PRO A 70 18.00 6.17 10.38
N ARG A 71 17.95 6.69 9.13
CA ARG A 71 16.70 6.75 8.37
C ARG A 71 16.71 5.92 7.11
N LEU A 72 15.57 5.33 6.76
CA LEU A 72 15.38 4.59 5.51
C LEU A 72 15.31 5.66 4.40
N ASN A 73 14.57 6.76 4.69
CA ASN A 73 14.35 7.88 3.78
C ASN A 73 13.91 9.11 4.56
N ALA A 74 13.75 10.24 3.87
CA ALA A 74 13.32 11.48 4.49
C ALA A 74 11.82 11.48 4.75
N LEU A 75 11.40 12.17 5.83
CA LEU A 75 9.97 12.29 6.13
C LEU A 75 9.30 13.17 5.06
N THR A 76 8.07 12.81 4.63
CA THR A 76 7.29 13.66 3.70
C THR A 76 6.09 14.25 4.46
N VAL A 77 6.04 13.99 5.78
CA VAL A 77 4.97 14.45 6.67
C VAL A 77 5.58 14.98 7.96
N PRO A 78 4.83 15.75 8.79
CA PRO A 78 5.37 16.15 10.10
C PRO A 78 5.68 14.90 10.94
N PRO A 79 6.76 14.92 11.76
CA PRO A 79 7.15 13.72 12.54
C PRO A 79 6.04 13.07 13.37
N GLU A 80 5.10 13.87 13.92
CA GLU A 80 4.01 13.32 14.72
C GLU A 80 3.04 12.47 13.90
N VAL A 81 2.97 12.72 12.58
CA VAL A 81 2.09 11.99 11.65
C VAL A 81 2.56 10.53 11.46
N VAL A 82 3.86 10.23 11.71
CA VAL A 82 4.33 8.84 11.67
C VAL A 82 3.54 8.01 12.72
N ASN A 83 3.18 8.63 13.85
CA ASN A 83 2.38 8.00 14.92
C ASN A 83 0.85 8.15 14.67
N ASN A 84 0.43 8.31 13.38
CA ASN A 84 -0.97 8.52 13.00
C ASN A 84 -2.00 7.62 13.69
N MET A 85 -1.86 6.29 13.58
CA MET A 85 -2.81 5.37 14.23
C MET A 85 -2.82 5.49 15.74
N GLY A 86 -1.64 5.70 16.32
CA GLY A 86 -1.48 5.95 17.75
C GLY A 86 -2.24 7.19 18.17
N ASN A 87 -2.19 8.27 17.35
CA ASN A 87 -2.90 9.52 17.64
C ASN A 87 -4.42 9.34 17.53
N ILE A 88 -4.87 8.60 16.50
CA ILE A 88 -6.29 8.26 16.30
C ILE A 88 -6.80 7.44 17.51
N ALA A 89 -6.01 6.41 17.92
CA ALA A 89 -6.37 5.57 19.07
C ALA A 89 -6.52 6.38 20.37
N ASP A 90 -5.54 7.26 20.66
CA ASP A 90 -5.48 8.14 21.83
C ASP A 90 -6.63 9.17 21.89
N ALA A 91 -7.15 9.56 20.73
CA ALA A 91 -8.27 10.49 20.58
C ALA A 91 -9.62 9.76 20.74
N GLY A 92 -9.57 8.43 20.85
CA GLY A 92 -10.75 7.57 20.97
C GLY A 92 -11.49 7.44 19.67
N LEU A 93 -10.78 7.58 18.54
CA LEU A 93 -11.39 7.57 17.21
C LEU A 93 -11.21 6.31 16.39
N ARG A 94 -10.50 5.29 16.92
CA ARG A 94 -10.21 4.05 16.19
C ARG A 94 -11.45 3.33 15.64
N LYS A 95 -12.42 3.03 16.49
CA LYS A 95 -13.65 2.33 16.09
C LYS A 95 -14.43 3.06 14.98
N ALA A 96 -14.57 4.39 15.11
CA ALA A 96 -15.29 5.21 14.14
C ALA A 96 -14.61 5.22 12.77
N VAL A 97 -13.28 5.32 12.74
CA VAL A 97 -12.51 5.31 11.49
C VAL A 97 -12.62 3.92 10.81
N MET A 98 -12.47 2.83 11.61
CA MET A 98 -12.58 1.45 11.15
C MET A 98 -13.93 1.17 10.51
N LYS A 99 -15.03 1.61 11.17
CA LYS A 99 -16.40 1.45 10.69
C LYS A 99 -16.63 2.23 9.39
N ALA A 100 -16.03 3.42 9.25
CA ALA A 100 -16.20 4.20 8.04
C ALA A 100 -15.46 3.62 6.82
N ILE A 101 -14.41 2.82 7.05
CA ILE A 101 -13.62 2.29 5.92
C ILE A 101 -13.92 0.83 5.55
N THR A 102 -15.01 0.29 6.07
CA THR A 102 -15.42 -1.08 5.76
C THR A 102 -16.03 -1.15 4.35
N PRO A 103 -15.74 -2.19 3.54
CA PRO A 103 -16.38 -2.27 2.21
C PRO A 103 -17.85 -2.68 2.27
N LYS A 104 -18.35 -3.02 3.49
CA LYS A 104 -19.72 -3.47 3.70
C LYS A 104 -20.77 -2.36 3.86
N ALA A 105 -20.38 -1.09 3.66
CA ALA A 105 -21.31 0.04 3.71
C ALA A 105 -22.41 -0.12 2.64
N PRO A 106 -23.68 0.28 2.92
CA PRO A 106 -24.74 0.11 1.91
C PRO A 106 -24.43 0.80 0.58
N GLY A 107 -24.53 0.05 -0.51
CA GLY A 107 -24.29 0.55 -1.87
C GLY A 107 -22.85 0.80 -2.28
N LEU A 108 -21.87 0.50 -1.41
CA LEU A 108 -20.47 0.75 -1.72
C LEU A 108 -19.88 -0.23 -2.77
N GLU A 109 -20.15 -1.53 -2.63
CA GLU A 109 -19.66 -2.53 -3.57
C GLU A 109 -20.33 -2.35 -4.93
N GLN A 110 -21.62 -1.95 -4.94
CA GLN A 110 -22.35 -1.66 -6.17
C GLN A 110 -21.74 -0.44 -6.86
N PHE A 111 -21.36 0.58 -6.07
CA PHE A 111 -20.69 1.79 -6.60
C PHE A 111 -19.36 1.39 -7.25
N LEU A 112 -18.60 0.47 -6.60
CA LEU A 112 -17.32 -0.05 -7.11
C LEU A 112 -17.51 -0.74 -8.46
N ARG A 113 -18.50 -1.68 -8.54
CA ARG A 113 -18.86 -2.38 -9.77
C ARG A 113 -19.25 -1.42 -10.87
N ASP A 114 -20.16 -0.46 -10.57
CA ASP A 114 -20.60 0.53 -11.56
C ASP A 114 -19.45 1.39 -12.07
N THR A 115 -18.54 1.79 -11.16
CA THR A 115 -17.38 2.62 -11.54
C THR A 115 -16.42 1.82 -12.40
N ALA A 116 -16.10 0.57 -11.99
CA ALA A 116 -15.19 -0.31 -12.75
C ALA A 116 -15.76 -0.53 -14.15
N ASN A 117 -17.10 -0.83 -14.25
CA ASN A 117 -17.76 -1.02 -15.54
C ASN A 117 -17.74 0.20 -16.43
N SER A 118 -18.00 1.39 -15.86
CA SER A 118 -17.98 2.64 -16.63
C SER A 118 -16.58 2.92 -17.23
N LEU A 119 -15.53 2.82 -16.40
CA LEU A 119 -14.14 3.03 -16.79
C LEU A 119 -13.76 2.10 -17.94
N LEU A 120 -14.11 0.80 -17.84
CA LEU A 120 -13.80 -0.19 -18.88
C LEU A 120 -14.57 0.03 -20.16
N ASP A 121 -15.88 0.39 -20.08
CA ASP A 121 -16.70 0.70 -21.27
C ASP A 121 -16.05 1.85 -22.04
N ASN A 122 -15.55 2.88 -21.31
CA ASN A 122 -14.87 4.03 -21.90
C ASN A 122 -13.59 3.60 -22.67
N LEU A 123 -12.80 2.69 -22.09
CA LEU A 123 -11.59 2.18 -22.74
C LEU A 123 -11.92 1.41 -24.03
N ILE A 124 -12.95 0.55 -23.97
CA ILE A 124 -13.42 -0.23 -25.12
C ILE A 124 -13.90 0.68 -26.26
N THR A 125 -14.62 1.76 -25.93
CA THR A 125 -15.10 2.75 -26.90
C THR A 125 -13.91 3.44 -27.62
N GLU A 126 -12.88 3.83 -26.84
CA GLU A 126 -11.70 4.51 -27.38
C GLU A 126 -10.86 3.60 -28.27
N GLY A 127 -10.86 2.30 -27.96
CA GLY A 127 -10.11 1.31 -28.71
C GLY A 127 -8.72 1.08 -28.14
N ALA A 128 -8.15 -0.11 -28.41
CA ALA A 128 -6.82 -0.47 -27.95
C ALA A 128 -5.71 0.34 -28.66
N PRO A 129 -4.56 0.66 -28.02
CA PRO A 129 -4.14 0.33 -26.65
C PRO A 129 -4.80 1.20 -25.58
N ALA A 130 -5.01 0.62 -24.41
CA ALA A 130 -5.56 1.32 -23.27
C ALA A 130 -4.50 1.27 -22.17
N ASP A 131 -4.48 2.27 -21.28
CA ASP A 131 -3.54 2.28 -20.19
C ASP A 131 -4.29 1.88 -18.91
N LEU A 132 -4.09 0.63 -18.43
CA LEU A 132 -4.78 0.16 -17.21
C LEU A 132 -4.46 0.83 -15.87
N ARG A 133 -3.33 1.58 -15.77
CA ARG A 133 -3.01 2.27 -14.52
C ARG A 133 -3.72 3.62 -14.52
N ASN A 134 -3.36 4.48 -15.46
CA ASN A 134 -3.88 5.84 -15.55
C ASN A 134 -5.36 5.95 -15.90
N ASP A 135 -5.90 4.96 -16.63
CA ASP A 135 -7.28 5.00 -17.08
C ASP A 135 -8.19 3.90 -16.51
N PHE A 136 -7.68 3.11 -15.55
CA PHE A 136 -8.48 2.10 -14.86
C PHE A 136 -8.17 2.00 -13.37
N ALA A 137 -7.03 1.39 -12.99
CA ALA A 137 -6.70 1.15 -11.58
C ALA A 137 -6.67 2.40 -10.70
N ASP A 138 -5.99 3.49 -11.14
CA ASP A 138 -5.88 4.71 -10.35
C ASP A 138 -7.21 5.49 -10.26
N PRO A 139 -7.96 5.76 -11.36
CA PRO A 139 -9.28 6.41 -11.19
C PRO A 139 -10.25 5.62 -10.32
N LEU A 140 -10.19 4.27 -10.38
CA LEU A 140 -11.05 3.40 -9.59
C LEU A 140 -10.72 3.58 -8.10
N ALA A 141 -9.41 3.60 -7.74
CA ALA A 141 -8.93 3.81 -6.36
C ALA A 141 -9.35 5.19 -5.85
N THR A 142 -9.18 6.22 -6.69
CA THR A 142 -9.57 7.62 -6.40
C THR A 142 -11.08 7.70 -6.18
N ALA A 143 -11.89 7.22 -7.15
CA ALA A 143 -13.36 7.22 -7.01
C ALA A 143 -13.83 6.52 -5.71
N LEU A 144 -13.24 5.36 -5.36
CA LEU A 144 -13.57 4.62 -4.14
C LEU A 144 -13.30 5.46 -2.90
N HIS A 145 -12.12 6.08 -2.83
CA HIS A 145 -11.73 6.89 -1.68
C HIS A 145 -12.51 8.17 -1.51
N CYS A 146 -12.96 8.81 -2.61
CA CYS A 146 -13.85 9.97 -2.51
C CYS A 146 -15.21 9.56 -1.89
N LYS A 147 -15.73 8.40 -2.31
CA LYS A 147 -16.99 7.85 -1.82
C LYS A 147 -16.86 7.48 -0.33
N VAL A 148 -15.82 6.71 0.03
CA VAL A 148 -15.54 6.31 1.41
C VAL A 148 -15.38 7.56 2.30
N LEU A 149 -14.67 8.59 1.82
CA LEU A 149 -14.47 9.83 2.58
C LEU A 149 -15.72 10.72 2.65
N GLY A 150 -16.62 10.56 1.68
CA GLY A 150 -17.83 11.39 1.59
C GLY A 150 -17.54 12.74 0.97
N ILE A 151 -16.45 12.83 0.18
CA ILE A 151 -16.05 14.07 -0.48
C ILE A 151 -16.49 14.09 -1.95
N PRO A 152 -16.67 15.26 -2.58
CA PRO A 152 -17.10 15.26 -3.98
C PRO A 152 -16.12 14.51 -4.89
N GLN A 153 -16.68 13.73 -5.84
CA GLN A 153 -15.89 12.99 -6.83
C GLN A 153 -14.95 13.91 -7.64
N GLU A 154 -15.39 15.16 -7.88
CA GLU A 154 -14.63 16.15 -8.65
C GLU A 154 -13.33 16.62 -7.94
N ASP A 155 -13.25 16.45 -6.60
CA ASP A 155 -12.09 16.83 -5.80
C ASP A 155 -10.98 15.75 -5.80
N GLY A 156 -11.31 14.56 -6.26
CA GLY A 156 -10.38 13.43 -6.34
C GLY A 156 -9.14 13.66 -7.19
N PRO A 157 -9.25 14.08 -8.48
CA PRO A 157 -8.04 14.26 -9.30
C PRO A 157 -6.98 15.19 -8.73
N LYS A 158 -7.39 16.33 -8.15
CA LYS A 158 -6.41 17.24 -7.54
C LYS A 158 -5.71 16.65 -6.31
N LEU A 159 -6.47 15.96 -5.41
CA LEU A 159 -5.87 15.29 -4.24
C LEU A 159 -4.91 14.20 -4.68
N PHE A 160 -5.29 13.48 -5.75
CA PHE A 160 -4.49 12.43 -6.35
C PHE A 160 -3.13 12.95 -6.81
N ARG A 161 -3.11 14.13 -7.44
CA ARG A 161 -1.89 14.77 -7.96
C ARG A 161 -0.78 15.01 -6.93
N SER A 162 -1.09 15.12 -5.63
CA SER A 162 -0.04 15.24 -4.61
C SER A 162 0.72 13.89 -4.42
N LEU A 163 0.11 12.77 -4.83
CA LEU A 163 0.68 11.44 -4.55
C LEU A 163 2.00 11.02 -5.15
N SER A 164 2.33 11.48 -6.36
CA SER A 164 3.60 11.10 -6.99
C SER A 164 4.79 11.73 -6.23
N ILE A 165 4.50 12.73 -5.34
CA ILE A 165 5.51 13.38 -4.50
C ILE A 165 5.38 12.91 -3.01
N ALA A 166 4.14 12.90 -2.47
CA ALA A 166 3.86 12.52 -1.09
C ALA A 166 4.41 11.13 -0.73
N PHE A 167 4.42 10.18 -1.67
CA PHE A 167 4.91 8.82 -1.45
C PHE A 167 6.29 8.53 -2.05
N MET A 168 7.09 9.59 -2.29
CA MET A 168 8.47 9.42 -2.74
C MET A 168 9.28 8.81 -1.59
N SER A 169 10.33 8.05 -1.93
CA SER A 169 11.26 7.46 -0.98
C SER A 169 12.58 8.14 -1.30
N SER A 170 12.76 9.35 -0.70
CA SER A 170 13.85 10.29 -0.99
C SER A 170 14.98 10.29 0.04
N ALA A 171 16.24 10.58 -0.39
CA ALA A 171 17.33 10.65 0.59
C ALA A 171 17.21 11.95 1.40
N ASP A 172 16.63 12.99 0.80
CA ASP A 172 16.53 14.32 1.39
C ASP A 172 15.09 14.84 1.45
N PRO A 173 14.80 15.78 2.39
CA PRO A 173 13.46 16.38 2.47
C PRO A 173 13.01 16.93 1.11
N ILE A 174 11.69 16.94 0.87
CA ILE A 174 11.11 17.36 -0.42
C ILE A 174 10.26 18.65 -0.26
N PRO A 175 10.72 19.83 -0.73
CA PRO A 175 9.93 21.08 -0.59
C PRO A 175 8.49 20.99 -1.12
N ALA A 176 8.28 20.34 -2.30
CA ALA A 176 6.94 20.16 -2.86
C ALA A 176 6.02 19.37 -1.92
N ALA A 177 6.56 18.38 -1.19
CA ALA A 177 5.72 17.57 -0.28
C ALA A 177 5.09 18.44 0.81
N LYS A 178 5.84 19.42 1.35
CA LYS A 178 5.28 20.35 2.35
C LYS A 178 4.18 21.24 1.74
N ILE A 179 4.43 21.79 0.52
CA ILE A 179 3.48 22.65 -0.19
C ILE A 179 2.15 21.91 -0.34
N ASN A 180 2.20 20.69 -0.90
CA ASN A 180 1.04 19.83 -1.12
C ASN A 180 0.35 19.41 0.17
N TRP A 181 1.14 19.03 1.18
CA TRP A 181 0.62 18.61 2.50
C TRP A 181 -0.21 19.75 3.11
N ASP A 182 0.38 20.96 3.21
CA ASP A 182 -0.31 22.11 3.79
C ASP A 182 -1.58 22.46 3.04
N ARG A 183 -1.55 22.39 1.69
CA ARG A 183 -2.72 22.66 0.86
C ARG A 183 -3.83 21.60 1.08
N ASP A 184 -3.46 20.30 1.12
CA ASP A 184 -4.43 19.21 1.32
C ASP A 184 -5.03 19.23 2.72
N ILE A 185 -4.25 19.62 3.74
CA ILE A 185 -4.74 19.76 5.12
C ILE A 185 -5.81 20.87 5.16
N GLU A 186 -5.56 21.98 4.44
CA GLU A 186 -6.48 23.13 4.35
C GLU A 186 -7.76 22.71 3.66
N TYR A 187 -7.63 21.90 2.59
CA TYR A 187 -8.80 21.34 1.90
C TYR A 187 -9.63 20.53 2.91
N MET A 188 -8.99 19.59 3.66
CA MET A 188 -9.71 18.76 4.65
C MET A 188 -10.30 19.59 5.81
N ALA A 189 -9.63 20.66 6.25
CA ALA A 189 -10.17 21.53 7.31
C ALA A 189 -11.48 22.19 6.83
N GLY A 190 -11.51 22.56 5.55
CA GLY A 190 -12.67 23.15 4.88
C GLY A 190 -13.81 22.14 4.76
N ILE A 191 -13.48 20.86 4.50
CA ILE A 191 -14.48 19.77 4.41
C ILE A 191 -15.21 19.62 5.77
N LEU A 192 -14.45 19.64 6.88
CA LEU A 192 -15.01 19.52 8.22
C LEU A 192 -16.01 20.64 8.55
N GLU A 193 -15.75 21.85 8.04
CA GLU A 193 -16.61 23.03 8.24
C GLU A 193 -17.71 23.16 7.18
N ASN A 194 -17.70 22.28 6.16
CA ASN A 194 -18.67 22.29 5.05
C ASN A 194 -19.98 21.59 5.45
N PRO A 195 -21.14 22.31 5.47
CA PRO A 195 -22.40 21.64 5.86
C PRO A 195 -22.91 20.57 4.91
N ASN A 196 -22.41 20.51 3.66
CA ASN A 196 -22.84 19.49 2.69
C ASN A 196 -22.23 18.13 2.92
N ILE A 197 -21.14 18.05 3.72
CA ILE A 197 -20.44 16.79 3.96
C ILE A 197 -20.97 16.10 5.21
N THR A 198 -21.90 15.15 5.00
CA THR A 198 -22.60 14.45 6.08
C THR A 198 -22.50 12.93 5.99
N THR A 199 -21.78 12.41 5.00
CA THR A 199 -21.62 10.95 4.82
C THR A 199 -20.16 10.57 4.79
N GLY A 200 -19.90 9.26 4.82
CA GLY A 200 -18.55 8.70 4.79
C GLY A 200 -17.72 9.06 6.00
N LEU A 201 -16.39 8.87 5.90
CA LEU A 201 -15.45 9.15 6.98
C LEU A 201 -15.43 10.63 7.40
N MET A 202 -15.42 11.56 6.43
CA MET A 202 -15.38 13.00 6.76
C MET A 202 -16.70 13.48 7.37
N GLY A 203 -17.81 12.90 6.94
CA GLY A 203 -19.12 13.22 7.52
C GLY A 203 -19.18 12.77 8.97
N GLU A 204 -18.63 11.59 9.25
CA GLU A 204 -18.59 11.08 10.61
C GLU A 204 -17.63 11.88 11.48
N LEU A 205 -16.45 12.23 10.95
CA LEU A 205 -15.48 13.02 11.75
C LEU A 205 -16.04 14.40 12.05
N SER A 206 -16.78 14.97 11.08
CA SER A 206 -17.41 16.29 11.20
C SER A 206 -18.40 16.29 12.33
N ARG A 207 -19.20 15.19 12.49
CA ARG A 207 -20.14 15.13 13.60
C ARG A 207 -19.42 14.88 14.93
N LEU A 208 -18.38 14.00 14.95
CA LEU A 208 -17.64 13.74 16.20
C LEU A 208 -16.93 14.99 16.72
N ARG A 209 -16.47 15.84 15.79
CA ARG A 209 -15.82 17.12 16.10
C ARG A 209 -16.67 18.04 16.99
N LYS A 210 -18.01 18.03 16.79
CA LYS A 210 -18.95 18.87 17.57
C LYS A 210 -19.59 18.15 18.74
N ASP A 211 -19.18 16.90 18.98
CA ASP A 211 -19.71 16.09 20.08
C ASP A 211 -18.88 16.43 21.33
N PRO A 212 -19.54 16.64 22.49
CA PRO A 212 -18.77 16.99 23.72
C PRO A 212 -17.72 15.98 24.15
N ALA A 213 -17.92 14.70 23.86
CA ALA A 213 -16.93 13.66 24.17
C ALA A 213 -15.63 13.78 23.35
N TYR A 214 -15.57 14.66 22.31
CA TYR A 214 -14.37 14.84 21.47
C TYR A 214 -13.95 16.30 21.36
N SER A 215 -14.44 17.16 22.27
CA SER A 215 -14.15 18.59 22.30
C SER A 215 -12.67 18.94 22.40
N HIS A 216 -11.86 18.09 23.06
CA HIS A 216 -10.44 18.39 23.15
C HIS A 216 -9.57 17.76 22.08
N VAL A 217 -10.18 17.04 21.11
CA VAL A 217 -9.41 16.47 19.99
C VAL A 217 -9.08 17.66 19.07
N SER A 218 -7.83 17.76 18.61
CA SER A 218 -7.45 18.88 17.75
C SER A 218 -7.97 18.76 16.34
N ASP A 219 -8.29 19.93 15.76
CA ASP A 219 -8.72 20.07 14.36
C ASP A 219 -7.60 19.62 13.45
N GLU A 220 -6.35 19.70 13.94
CA GLU A 220 -5.18 19.24 13.19
C GLU A 220 -5.32 17.75 12.95
N LEU A 221 -5.68 16.97 14.00
CA LEU A 221 -5.85 15.53 13.85
C LEU A 221 -7.01 15.15 12.91
N PHE A 222 -8.16 15.83 13.03
CA PHE A 222 -9.31 15.55 12.15
C PHE A 222 -8.97 15.72 10.67
N ALA A 223 -8.25 16.81 10.31
CA ALA A 223 -7.82 17.06 8.91
C ALA A 223 -6.80 16.02 8.47
N THR A 224 -5.87 15.68 9.37
CA THR A 224 -4.82 14.68 9.15
C THR A 224 -5.42 13.34 8.79
N ILE A 225 -6.45 12.88 9.52
CA ILE A 225 -7.10 11.59 9.22
C ILE A 225 -7.57 11.57 7.74
N GLY A 226 -8.21 12.65 7.31
CA GLY A 226 -8.69 12.79 5.93
C GLY A 226 -7.59 12.68 4.89
N VAL A 227 -6.50 13.43 5.06
CA VAL A 227 -5.36 13.47 4.11
C VAL A 227 -4.65 12.12 4.09
N THR A 228 -4.37 11.55 5.28
CA THR A 228 -3.63 10.28 5.37
C THR A 228 -4.39 9.06 4.84
N PHE A 229 -5.69 8.92 5.16
CA PHE A 229 -6.48 7.78 4.70
C PHE A 229 -6.75 7.84 3.20
N PHE A 230 -6.95 9.07 2.66
CA PHE A 230 -7.09 9.24 1.21
C PHE A 230 -5.75 8.81 0.54
N GLY A 231 -4.64 9.39 0.98
CA GLY A 231 -3.32 9.14 0.41
C GLY A 231 -2.87 7.68 0.49
N ALA A 232 -2.85 7.12 1.71
CA ALA A 232 -2.46 5.71 1.91
C ALA A 232 -3.38 4.75 1.16
N GLY A 233 -4.69 4.96 1.24
CA GLY A 233 -5.64 4.09 0.54
C GLY A 233 -5.53 4.12 -0.97
N VAL A 234 -5.52 5.34 -1.56
CA VAL A 234 -5.43 5.52 -3.02
C VAL A 234 -4.13 4.97 -3.56
N ILE A 235 -3.00 5.34 -2.94
CA ILE A 235 -1.71 4.80 -3.44
C ILE A 235 -1.60 3.26 -3.30
N SER A 236 -2.08 2.72 -2.20
CA SER A 236 -1.95 1.28 -1.94
C SER A 236 -2.86 0.44 -2.83
N THR A 237 -4.13 0.84 -2.97
CA THR A 237 -5.08 0.07 -3.80
C THR A 237 -4.79 0.24 -5.29
N GLY A 238 -4.47 1.45 -5.71
CA GLY A 238 -4.16 1.74 -7.11
C GLY A 238 -2.91 0.99 -7.55
N SER A 239 -1.87 1.03 -6.72
CA SER A 239 -0.60 0.35 -7.03
C SER A 239 -0.71 -1.17 -6.96
N PHE A 240 -1.38 -1.72 -5.92
CA PHE A 240 -1.57 -3.16 -5.82
C PHE A 240 -2.37 -3.69 -7.00
N LEU A 241 -3.52 -3.06 -7.31
CA LEU A 241 -4.32 -3.50 -8.44
C LEU A 241 -3.53 -3.49 -9.77
N THR A 242 -2.76 -2.42 -10.02
CA THR A 242 -1.96 -2.31 -11.24
C THR A 242 -0.99 -3.48 -11.35
N THR A 243 -0.22 -3.76 -10.29
CA THR A 243 0.77 -4.83 -10.34
C THR A 243 0.11 -6.20 -10.28
N ALA A 244 -1.09 -6.32 -9.64
CA ALA A 244 -1.80 -7.61 -9.64
C ALA A 244 -2.27 -7.92 -11.06
N LEU A 245 -2.70 -6.87 -11.82
CA LEU A 245 -3.13 -7.06 -13.22
C LEU A 245 -1.98 -7.57 -14.08
N ILE A 246 -0.75 -7.07 -13.83
CA ILE A 246 0.45 -7.57 -14.53
C ILE A 246 0.66 -9.05 -14.21
N SER A 247 0.62 -9.41 -12.89
CA SER A 247 0.76 -10.81 -12.43
C SER A 247 -0.26 -11.73 -13.11
N LEU A 248 -1.50 -11.25 -13.26
CA LEU A 248 -2.59 -11.97 -13.93
C LEU A 248 -2.37 -12.11 -15.46
N ILE A 249 -1.98 -11.00 -16.12
CA ILE A 249 -1.76 -10.99 -17.58
C ILE A 249 -0.66 -11.98 -17.97
N GLN A 250 0.42 -12.06 -17.16
CA GLN A 250 1.53 -13.00 -17.34
C GLN A 250 1.16 -14.46 -17.00
N ARG A 251 -0.08 -14.71 -16.53
CA ARG A 251 -0.55 -16.05 -16.17
C ARG A 251 -1.87 -16.30 -16.90
N PRO A 252 -1.83 -16.55 -18.23
CA PRO A 252 -3.08 -16.77 -18.99
C PRO A 252 -3.94 -17.93 -18.52
N GLN A 253 -3.33 -19.01 -17.99
CA GLN A 253 -4.06 -20.18 -17.47
C GLN A 253 -4.90 -19.77 -16.25
N LEU A 254 -4.33 -19.00 -15.33
CA LEU A 254 -5.03 -18.47 -14.16
C LEU A 254 -6.13 -17.49 -14.60
N ARG A 255 -5.80 -16.58 -15.54
CA ARG A 255 -6.73 -15.57 -16.06
C ARG A 255 -7.99 -16.26 -16.65
N ASN A 256 -7.79 -17.36 -17.42
CA ASN A 256 -8.89 -18.14 -18.03
C ASN A 256 -9.71 -18.86 -16.99
N LEU A 257 -9.07 -19.43 -15.95
CA LEU A 257 -9.76 -20.11 -14.84
C LEU A 257 -10.61 -19.12 -14.04
N LEU A 258 -10.06 -17.92 -13.72
CA LEU A 258 -10.81 -16.89 -12.99
C LEU A 258 -11.98 -16.31 -13.80
N HIS A 259 -11.84 -16.25 -15.14
CA HIS A 259 -12.91 -15.78 -16.03
C HIS A 259 -14.05 -16.83 -16.01
N GLU A 260 -13.69 -18.12 -16.15
CA GLU A 260 -14.60 -19.27 -16.13
C GLU A 260 -15.25 -19.50 -14.76
N LYS A 261 -14.49 -19.32 -13.66
CA LYS A 261 -15.00 -19.55 -12.30
C LYS A 261 -14.77 -18.30 -11.43
N PRO A 262 -15.56 -17.21 -11.62
CA PRO A 262 -15.30 -15.98 -10.85
C PRO A 262 -15.48 -16.12 -9.34
N GLU A 263 -16.02 -17.27 -8.86
CA GLU A 263 -16.14 -17.50 -7.41
C GLU A 263 -14.75 -17.76 -6.79
N LEU A 264 -13.75 -18.02 -7.64
CA LEU A 264 -12.36 -18.24 -7.19
C LEU A 264 -11.56 -16.95 -7.10
N ILE A 265 -12.15 -15.81 -7.53
CA ILE A 265 -11.49 -14.49 -7.50
C ILE A 265 -10.97 -14.10 -6.09
N PRO A 266 -11.76 -14.26 -4.98
CA PRO A 266 -11.21 -13.96 -3.65
C PRO A 266 -9.97 -14.79 -3.32
N ALA A 267 -9.94 -16.09 -3.65
CA ALA A 267 -8.74 -16.92 -3.42
C ALA A 267 -7.58 -16.49 -4.36
N GLY A 268 -7.90 -16.07 -5.59
CA GLY A 268 -6.91 -15.55 -6.54
C GLY A 268 -6.28 -14.26 -6.05
N VAL A 269 -7.10 -13.33 -5.51
CA VAL A 269 -6.59 -12.05 -4.96
C VAL A 269 -5.68 -12.26 -3.75
N GLU A 270 -6.00 -13.26 -2.89
CA GLU A 270 -5.17 -13.55 -1.72
C GLU A 270 -3.78 -14.01 -2.17
N GLU A 271 -3.71 -14.83 -3.23
CA GLU A 271 -2.43 -15.24 -3.82
C GLU A 271 -1.74 -14.09 -4.54
N LEU A 272 -2.53 -13.20 -5.20
CA LEU A 272 -1.96 -12.02 -5.87
C LEU A 272 -1.36 -11.06 -4.83
N LEU A 273 -1.99 -10.99 -3.64
CA LEU A 273 -1.48 -10.20 -2.54
C LEU A 273 -0.18 -10.82 -2.01
N ARG A 274 -0.14 -12.15 -1.88
CA ARG A 274 1.06 -12.83 -1.37
C ARG A 274 2.29 -12.60 -2.24
N ILE A 275 2.15 -12.70 -3.57
CA ILE A 275 3.30 -12.54 -4.47
C ILE A 275 3.57 -11.07 -4.87
N ASN A 276 2.81 -10.14 -4.33
CA ASN A 276 2.89 -8.74 -4.73
C ASN A 276 4.21 -8.07 -4.32
N LEU A 277 4.73 -7.26 -5.25
CA LEU A 277 5.96 -6.53 -5.02
C LEU A 277 5.69 -5.01 -4.93
N SER A 278 4.44 -4.64 -4.61
CA SER A 278 4.03 -3.23 -4.51
C SER A 278 4.88 -2.39 -3.52
N PHE A 279 5.24 -2.91 -2.33
CA PHE A 279 6.09 -2.15 -1.37
C PHE A 279 7.55 -2.12 -1.81
N ALA A 280 8.04 -0.93 -2.15
CA ALA A 280 9.40 -0.79 -2.70
C ALA A 280 10.51 -0.99 -1.69
N ASP A 281 10.23 -0.72 -0.40
CA ASP A 281 11.23 -0.84 0.68
C ASP A 281 10.70 -1.72 1.78
N GLY A 282 11.61 -2.21 2.62
CA GLY A 282 11.23 -2.95 3.82
C GLY A 282 10.46 -2.02 4.75
N LEU A 283 9.60 -2.56 5.63
CA LEU A 283 8.87 -1.72 6.60
C LEU A 283 9.85 -1.31 7.68
N PRO A 284 9.98 0.00 7.99
CA PRO A 284 11.01 0.41 8.95
C PRO A 284 10.56 0.42 10.41
N ARG A 285 11.48 0.05 11.30
CA ARG A 285 11.27 0.05 12.76
C ARG A 285 12.55 0.45 13.44
N LEU A 286 12.45 1.16 14.57
CA LEU A 286 13.65 1.52 15.33
C LEU A 286 13.68 0.71 16.63
N ALA A 287 14.80 0.04 16.93
CA ALA A 287 14.91 -0.73 18.18
C ALA A 287 14.89 0.20 19.38
N THR A 288 14.05 -0.10 20.37
CA THR A 288 14.01 0.72 21.58
C THR A 288 14.69 -0.02 22.72
N ALA A 289 15.27 -1.19 22.40
CA ALA A 289 15.99 -2.02 23.37
C ALA A 289 16.99 -2.87 22.59
N ASP A 290 17.85 -3.64 23.29
CA ASP A 290 18.78 -4.56 22.66
C ASP A 290 18.01 -5.87 22.53
N ILE A 291 17.73 -6.29 21.29
CA ILE A 291 16.91 -7.46 21.01
C ILE A 291 17.59 -8.45 20.07
N GLN A 292 17.60 -9.73 20.45
CA GLN A 292 18.18 -10.80 19.62
C GLN A 292 17.22 -11.14 18.51
N VAL A 293 17.70 -11.05 17.26
CA VAL A 293 16.93 -11.38 16.06
C VAL A 293 17.83 -12.34 15.29
N GLY A 294 17.49 -13.63 15.32
CA GLY A 294 18.32 -14.65 14.71
C GLY A 294 19.73 -14.61 15.28
N ASP A 295 20.74 -14.55 14.40
CA ASP A 295 22.15 -14.51 14.83
C ASP A 295 22.66 -13.12 15.24
N VAL A 296 21.79 -12.10 15.24
CA VAL A 296 22.20 -10.70 15.46
C VAL A 296 21.57 -10.09 16.71
N LEU A 297 22.39 -9.41 17.53
CA LEU A 297 21.87 -8.67 18.65
C LEU A 297 21.66 -7.22 18.15
N VAL A 298 20.41 -6.86 17.86
CA VAL A 298 20.06 -5.51 17.39
C VAL A 298 20.18 -4.55 18.59
N ARG A 299 20.94 -3.47 18.41
CA ARG A 299 21.16 -2.50 19.50
C ARG A 299 20.09 -1.44 19.48
N LYS A 300 19.76 -0.90 20.67
CA LYS A 300 18.83 0.22 20.84
C LYS A 300 19.31 1.36 19.93
N GLY A 301 18.37 1.98 19.23
CA GLY A 301 18.64 3.09 18.33
C GLY A 301 18.89 2.68 16.89
N GLU A 302 19.03 1.36 16.63
CA GLU A 302 19.26 0.89 15.26
C GLU A 302 17.97 0.72 14.46
N LEU A 303 18.10 0.85 13.13
CA LEU A 303 17.00 0.73 12.19
C LEU A 303 16.93 -0.69 11.66
N VAL A 304 15.71 -1.23 11.62
CA VAL A 304 15.42 -2.56 11.11
C VAL A 304 14.43 -2.40 9.95
N LEU A 305 14.67 -3.12 8.85
CA LEU A 305 13.82 -3.09 7.66
C LEU A 305 13.23 -4.48 7.43
N VAL A 306 11.91 -4.57 7.46
CA VAL A 306 11.19 -5.84 7.31
C VAL A 306 10.79 -5.98 5.84
N LEU A 307 11.47 -6.87 5.10
CA LEU A 307 11.25 -7.08 3.66
C LEU A 307 10.05 -8.04 3.45
N LEU A 308 8.90 -7.50 3.05
CA LEU A 308 7.65 -8.27 2.87
C LEU A 308 7.76 -9.41 1.89
N GLU A 309 8.45 -9.18 0.76
CA GLU A 309 8.67 -10.24 -0.23
C GLU A 309 9.62 -11.31 0.30
N GLY A 310 10.46 -10.94 1.26
CA GLY A 310 11.33 -11.90 1.93
C GLY A 310 10.47 -12.94 2.61
N ALA A 311 9.48 -12.47 3.38
CA ALA A 311 8.56 -13.34 4.12
C ALA A 311 7.63 -14.07 3.18
N ASN A 312 7.02 -13.33 2.22
CA ASN A 312 5.99 -13.84 1.31
C ASN A 312 6.49 -14.84 0.29
N PHE A 313 7.79 -14.82 0.00
CA PHE A 313 8.37 -15.77 -0.94
C PHE A 313 9.24 -16.81 -0.22
N ASP A 314 9.10 -16.91 1.11
CA ASP A 314 9.85 -17.85 1.94
C ASP A 314 9.36 -19.29 1.67
N PRO A 315 10.20 -20.18 1.07
CA PRO A 315 9.74 -21.57 0.80
C PRO A 315 9.44 -22.39 2.04
N GLU A 316 9.96 -21.97 3.21
CA GLU A 316 9.72 -22.68 4.46
C GLU A 316 8.30 -22.44 4.99
N HIS A 317 7.63 -21.36 4.55
CA HIS A 317 6.25 -21.05 4.97
C HIS A 317 5.26 -21.24 3.82
N PHE A 318 5.69 -20.93 2.60
CA PHE A 318 4.86 -21.05 1.40
C PHE A 318 5.59 -21.91 0.34
N PRO A 319 5.48 -23.25 0.39
CA PRO A 319 6.19 -24.09 -0.58
C PRO A 319 5.83 -23.76 -2.03
N ASN A 320 6.84 -23.78 -2.92
CA ASN A 320 6.75 -23.37 -4.34
C ASN A 320 6.25 -21.91 -4.33
N PRO A 321 6.99 -21.01 -3.65
CA PRO A 321 6.48 -19.64 -3.43
C PRO A 321 6.17 -18.77 -4.63
N GLY A 322 6.85 -19.02 -5.74
CA GLY A 322 6.64 -18.22 -6.96
C GLY A 322 5.39 -18.60 -7.74
N SER A 323 4.72 -19.69 -7.33
CA SER A 323 3.53 -20.20 -8.00
C SER A 323 2.25 -19.78 -7.29
N ILE A 324 1.27 -19.32 -8.07
CA ILE A 324 -0.05 -18.97 -7.53
C ILE A 324 -0.80 -20.28 -7.40
N GLU A 325 -1.15 -20.64 -6.15
CA GLU A 325 -1.85 -21.89 -5.83
C GLU A 325 -3.06 -21.50 -5.02
N LEU A 326 -4.24 -21.82 -5.54
CA LEU A 326 -5.52 -21.41 -4.96
C LEU A 326 -6.00 -22.23 -3.78
N ASP A 327 -5.32 -23.33 -3.47
CA ASP A 327 -5.70 -24.28 -2.43
C ASP A 327 -4.63 -24.45 -1.33
N ARG A 328 -3.91 -23.38 -0.99
CA ARG A 328 -2.89 -23.44 0.05
C ARG A 328 -3.59 -23.60 1.41
N PRO A 329 -2.99 -24.30 2.40
CA PRO A 329 -3.64 -24.42 3.71
C PRO A 329 -3.55 -23.17 4.59
N ASN A 330 -2.66 -22.21 4.25
CA ASN A 330 -2.43 -20.97 5.03
C ASN A 330 -2.56 -19.71 4.11
N PRO A 331 -3.68 -19.54 3.36
CA PRO A 331 -3.75 -18.47 2.35
C PRO A 331 -3.63 -17.03 2.79
N THR A 332 -4.16 -16.68 3.99
CA THR A 332 -4.12 -15.30 4.49
C THR A 332 -2.95 -15.08 5.44
N SER A 333 -2.04 -16.07 5.61
CA SER A 333 -0.91 -15.91 6.51
C SER A 333 0.25 -15.09 5.93
N HIS A 334 0.07 -14.48 4.75
CA HIS A 334 1.09 -13.61 4.17
C HIS A 334 1.17 -12.27 4.94
N LEU A 335 2.22 -11.48 4.66
CA LEU A 335 2.42 -10.17 5.28
C LEU A 335 2.12 -8.99 4.36
N ALA A 336 1.31 -9.17 3.30
CA ALA A 336 1.00 -8.04 2.37
C ALA A 336 0.38 -6.83 3.09
N PHE A 337 -0.35 -7.07 4.20
CA PHE A 337 -0.98 -6.00 5.02
C PHE A 337 -0.22 -5.78 6.35
N GLY A 338 0.98 -6.31 6.43
CA GLY A 338 1.78 -6.21 7.65
C GLY A 338 1.34 -7.22 8.69
N ARG A 339 1.66 -6.93 9.97
CA ARG A 339 1.37 -7.83 11.09
C ARG A 339 1.55 -7.06 12.38
N GLY A 340 0.78 -7.42 13.41
CA GLY A 340 0.89 -6.82 14.74
C GLY A 340 0.21 -5.49 14.92
N GLN A 341 0.84 -4.61 15.73
CA GLN A 341 0.32 -3.30 16.10
C GLN A 341 -0.12 -2.44 14.91
N HIS A 342 0.64 -2.50 13.81
CA HIS A 342 0.40 -1.63 12.68
C HIS A 342 -0.20 -2.30 11.49
N PHE A 343 -0.93 -3.44 11.72
CA PHE A 343 -1.63 -4.17 10.65
C PHE A 343 -2.56 -3.18 9.93
N CYS A 344 -2.54 -3.20 8.59
CA CYS A 344 -3.33 -2.31 7.75
C CYS A 344 -4.79 -2.17 8.21
N PRO A 345 -5.28 -0.95 8.53
CA PRO A 345 -6.69 -0.82 8.91
C PRO A 345 -7.67 -0.86 7.72
N GLY A 346 -7.15 -0.78 6.49
CA GLY A 346 -8.00 -0.84 5.31
C GLY A 346 -7.95 -2.14 4.53
N SER A 347 -7.43 -3.24 5.16
CA SER A 347 -7.26 -4.53 4.49
C SER A 347 -8.52 -5.06 3.80
N ALA A 348 -9.67 -4.96 4.44
CA ALA A 348 -10.94 -5.46 3.89
C ALA A 348 -11.33 -4.68 2.62
N LEU A 349 -11.14 -3.35 2.66
CA LEU A 349 -11.44 -2.47 1.55
C LEU A 349 -10.46 -2.68 0.38
N GLY A 350 -9.18 -2.90 0.71
CA GLY A 350 -8.13 -3.17 -0.27
C GLY A 350 -8.42 -4.46 -1.04
N ARG A 351 -8.88 -5.49 -0.32
CA ARG A 351 -9.24 -6.78 -0.91
C ARG A 351 -10.42 -6.61 -1.85
N ARG A 352 -11.47 -5.90 -1.39
CA ARG A 352 -12.69 -5.72 -2.17
C ARG A 352 -12.45 -4.92 -3.45
N HIS A 353 -11.64 -3.85 -3.36
CA HIS A 353 -11.26 -3.02 -4.52
C HIS A 353 -10.63 -3.91 -5.61
N ALA A 354 -9.65 -4.76 -5.24
CA ALA A 354 -8.98 -5.66 -6.19
C ALA A 354 -9.90 -6.71 -6.76
N GLN A 355 -10.73 -7.33 -5.91
CA GLN A 355 -11.67 -8.39 -6.33
C GLN A 355 -12.65 -7.84 -7.34
N ILE A 356 -13.23 -6.66 -7.05
CA ILE A 356 -14.19 -6.03 -7.97
C ILE A 356 -13.54 -5.56 -9.28
N GLY A 357 -12.37 -4.92 -9.19
CA GLY A 357 -11.62 -4.47 -10.35
C GLY A 357 -11.28 -5.63 -11.28
N ILE A 358 -10.79 -6.72 -10.71
CA ILE A 358 -10.44 -7.92 -11.46
C ILE A 358 -11.69 -8.59 -12.06
N GLU A 359 -12.76 -8.74 -11.26
CA GLU A 359 -14.01 -9.36 -11.72
C GLU A 359 -14.58 -8.62 -12.94
N ALA A 360 -14.65 -7.28 -12.86
CA ALA A 360 -15.15 -6.43 -13.94
C ALA A 360 -14.24 -6.51 -15.17
N LEU A 361 -12.89 -6.54 -14.98
CA LEU A 361 -11.95 -6.61 -16.10
C LEU A 361 -12.06 -7.91 -16.89
N LEU A 362 -12.12 -9.05 -16.20
CA LEU A 362 -12.22 -10.36 -16.87
C LEU A 362 -13.55 -10.52 -17.62
N LYS A 363 -14.63 -9.90 -17.12
CA LYS A 363 -15.92 -9.95 -17.81
C LYS A 363 -15.90 -9.12 -19.10
N LYS A 364 -15.36 -7.89 -19.06
CA LYS A 364 -15.34 -6.96 -20.20
C LYS A 364 -14.21 -7.23 -21.22
N MET A 365 -13.04 -7.64 -20.72
CA MET A 365 -11.81 -7.87 -21.48
C MET A 365 -11.24 -9.27 -21.21
N PRO A 366 -11.96 -10.37 -21.54
CA PRO A 366 -11.40 -11.72 -21.25
C PRO A 366 -10.09 -12.02 -22.00
N GLY A 367 -9.87 -11.37 -23.13
CA GLY A 367 -8.66 -11.51 -23.94
C GLY A 367 -7.58 -10.49 -23.64
N VAL A 368 -7.62 -9.85 -22.45
CA VAL A 368 -6.64 -8.85 -22.01
C VAL A 368 -5.18 -9.37 -22.10
N ASP A 369 -4.31 -8.59 -22.72
CA ASP A 369 -2.88 -8.90 -22.83
C ASP A 369 -2.07 -7.61 -22.92
N LEU A 370 -0.79 -7.65 -22.54
CA LEU A 370 0.11 -6.51 -22.68
C LEU A 370 0.21 -6.15 -24.16
N ALA A 371 0.18 -4.83 -24.48
CA ALA A 371 0.28 -4.33 -25.85
C ALA A 371 1.74 -4.02 -26.20
N VAL A 372 2.64 -4.19 -25.22
CA VAL A 372 4.09 -3.96 -25.35
C VAL A 372 4.87 -5.13 -24.70
N PRO A 373 6.11 -5.48 -25.16
CA PRO A 373 6.87 -6.52 -24.42
C PRO A 373 7.03 -6.08 -22.97
N ILE A 374 6.94 -7.00 -22.03
CA ILE A 374 6.97 -6.65 -20.60
C ILE A 374 8.19 -5.80 -20.14
N ASP A 375 9.34 -6.00 -20.78
CA ASP A 375 10.56 -5.23 -20.48
C ASP A 375 10.43 -3.74 -20.81
N GLN A 376 9.43 -3.37 -21.62
CA GLN A 376 9.16 -1.96 -22.01
C GLN A 376 8.43 -1.13 -20.95
N LEU A 377 7.92 -1.77 -19.89
CA LEU A 377 7.24 -1.04 -18.81
C LEU A 377 8.28 -0.20 -18.07
N VAL A 378 7.92 1.03 -17.73
CA VAL A 378 8.81 1.98 -17.08
C VAL A 378 8.51 1.95 -15.59
N TRP A 379 9.44 1.43 -14.79
CA TRP A 379 9.21 1.32 -13.35
C TRP A 379 9.61 2.58 -12.58
N ARG A 380 8.66 3.12 -11.81
CA ARG A 380 8.88 4.33 -11.00
C ARG A 380 10.03 4.10 -9.99
N THR A 381 11.01 5.00 -9.99
CA THR A 381 12.17 4.86 -9.06
C THR A 381 12.01 5.79 -7.86
N ARG A 382 12.78 5.51 -6.78
CA ARG A 382 12.81 6.32 -5.53
C ARG A 382 11.42 6.64 -5.00
N PHE A 383 10.58 5.61 -4.98
CA PHE A 383 9.19 5.74 -4.54
C PHE A 383 8.87 4.66 -3.53
N GLN A 384 7.85 4.89 -2.67
CA GLN A 384 7.45 3.94 -1.63
C GLN A 384 6.72 2.70 -2.18
N ARG A 385 6.30 2.77 -3.45
CA ARG A 385 5.66 1.68 -4.19
C ARG A 385 6.39 1.39 -5.51
N ARG A 386 6.23 0.14 -6.03
CA ARG A 386 6.80 -0.23 -7.34
C ARG A 386 5.61 -0.23 -8.27
N ILE A 387 5.65 0.64 -9.30
CA ILE A 387 4.55 0.78 -10.26
C ILE A 387 5.05 1.13 -11.62
N PRO A 388 4.40 0.61 -12.69
CA PRO A 388 4.80 1.01 -14.04
C PRO A 388 4.18 2.40 -14.28
N GLU A 389 4.86 3.28 -14.99
CA GLU A 389 4.27 4.61 -15.25
C GLU A 389 2.97 4.51 -16.11
N ARG A 390 2.97 3.57 -17.06
CA ARG A 390 1.83 3.27 -17.94
C ARG A 390 1.74 1.76 -18.04
N LEU A 391 0.51 1.24 -18.18
CA LEU A 391 0.28 -0.20 -18.37
C LEU A 391 -0.50 -0.41 -19.68
N PRO A 392 0.21 -0.39 -20.84
CA PRO A 392 -0.48 -0.52 -22.14
C PRO A 392 -0.97 -1.93 -22.42
N VAL A 393 -2.28 -2.05 -22.66
CA VAL A 393 -2.90 -3.35 -22.94
C VAL A 393 -3.74 -3.36 -24.23
N LEU A 394 -4.00 -4.56 -24.74
CA LEU A 394 -4.92 -4.80 -25.86
C LEU A 394 -5.86 -5.94 -25.41
N TRP A 395 -6.91 -6.25 -26.19
CA TRP A 395 -7.89 -7.26 -25.78
C TRP A 395 -8.61 -7.92 -26.95
#